data_3ZO4
#
_entry.id   3ZO4
#
_cell.length_a   73.440
_cell.length_b   75.730
_cell.length_c   80.370
_cell.angle_alpha   90.00
_cell.angle_beta   90.00
_cell.angle_gamma   90.00
#
_symmetry.space_group_name_H-M   'P 21 21 21'
#
loop_
_entity.id
_entity.type
_entity.pdbx_description
1 polymer 'CAMP-DEPENDENT PROTEIN KINASE CATALYTIC SUBUNIT ALPHA'
2 polymer 'CAMP-DEPENDENT PROTEIN KINASE INHIBITOR ALPHA'
3 non-polymer (4S)-2-METHYL-2,4-PENTANEDIOL
4 non-polymer 6-(4-PHENYL-1,9-DIAZASPIRO[5.5]UNDECAN-9-YL)-9H-PURINE
5 non-polymer GLYCEROL
6 non-polymer 'DIMETHYL SULFOXIDE'
7 water water
#
loop_
_entity_poly.entity_id
_entity_poly.type
_entity_poly.pdbx_seq_one_letter_code
_entity_poly.pdbx_strand_id
1 'polypeptide(L)'
;MGNAAAAKKGSEQESVKEFLAKAKEDFLKKWENPAQNTAHLDQFERIKTLGTGSFGRVMLVKHMETGNHYAMKILDKQKV
VKLKQIEHTLNEKRILQAVNFPFLVKLEFSFKDNSNLYMVMEYVPGGEMFSHLRRIGRFSEPHARFYAAQIVLTFEYLHS
LDLIYRDLKPENLLIDQQGYIQVTDFGFAKRVKGRTW(TPO)LCGTPEYLAPEIILSKGYNKAVDWWALGVLIYEMAAGY
PPFFADQPIQIYEKIVSGKVRFPSHFSSDLKDLLRNLLQVDLTKRFGNLKNGVNDIKNHKWFATTDWIAIYQRKVEAPFI
PKFKGPGDTSNFDDYEEEEIRV(SEP)INEKCGKEFSEF
;
A
2 'polypeptide(L)' TTYADFIASGRTGRRNAIHD I
#
loop_
_chem_comp.id
_chem_comp.type
_chem_comp.name
_chem_comp.formula
DMS non-polymer 'DIMETHYL SULFOXIDE' 'C2 H6 O S'
GOL non-polymer GLYCEROL 'C3 H8 O3'
MPD non-polymer (4S)-2-METHYL-2,4-PENTANEDIOL 'C6 H14 O2'
QWI non-polymer 6-(4-PHENYL-1,9-DIAZASPIRO[5.5]UNDECAN-9-YL)-9H-PURINE 'C20 H24 N6'
#
# COMPACT_ATOMS: atom_id res chain seq x y z
N SER A 15 -20.91 11.90 -11.86
CA SER A 15 -19.77 12.55 -12.51
C SER A 15 -18.53 12.53 -11.64
N VAL A 16 -17.39 12.17 -12.24
CA VAL A 16 -16.08 12.06 -11.59
C VAL A 16 -15.63 13.39 -10.95
N LYS A 17 -15.62 14.49 -11.74
CA LYS A 17 -15.24 15.84 -11.28
C LYS A 17 -16.05 16.25 -10.04
N GLU A 18 -17.39 16.10 -10.10
CA GLU A 18 -18.29 16.43 -8.99
C GLU A 18 -18.02 15.55 -7.76
N PHE A 19 -17.85 14.23 -7.96
CA PHE A 19 -17.55 13.28 -6.87
C PHE A 19 -16.24 13.67 -6.17
N LEU A 20 -15.19 13.94 -6.95
CA LEU A 20 -13.88 14.27 -6.39
C LEU A 20 -13.89 15.63 -5.66
N ALA A 21 -14.67 16.61 -6.14
CA ALA A 21 -14.75 17.92 -5.48
C ALA A 21 -15.34 17.80 -4.06
N LYS A 22 -16.40 16.99 -3.91
CA LYS A 22 -17.06 16.74 -2.63
C LYS A 22 -16.11 15.95 -1.70
N ALA A 23 -15.38 14.96 -2.28
CA ALA A 23 -14.40 14.15 -1.54
C ALA A 23 -13.30 15.06 -0.96
N LYS A 24 -12.90 16.09 -1.73
CA LYS A 24 -11.87 17.04 -1.29
C LYS A 24 -12.36 17.91 -0.13
N GLU A 25 -13.63 18.35 -0.18
CA GLU A 25 -14.23 19.15 0.88
C GLU A 25 -14.20 18.35 2.22
N ASP A 26 -14.59 17.07 2.15
CA ASP A 26 -14.60 16.15 3.29
C ASP A 26 -13.19 15.95 3.83
N PHE A 27 -12.22 15.69 2.92
CA PHE A 27 -10.82 15.44 3.28
C PHE A 27 -10.22 16.65 4.00
N LEU A 28 -10.36 17.84 3.39
CA LEU A 28 -9.75 19.05 3.95
C LEU A 28 -10.18 19.39 5.36
N LYS A 29 -11.45 19.13 5.71
CA LYS A 29 -11.97 19.44 7.06
C LYS A 29 -11.21 18.60 8.09
N LYS A 30 -10.97 17.32 7.77
CA LYS A 30 -10.24 16.41 8.67
C LYS A 30 -8.74 16.68 8.62
N TRP A 31 -8.22 17.02 7.43
CA TRP A 31 -6.80 17.35 7.25
C TRP A 31 -6.44 18.56 8.12
N GLU A 32 -7.32 19.58 8.16
CA GLU A 32 -7.06 20.80 8.92
C GLU A 32 -7.29 20.69 10.43
N ASN A 33 -8.12 19.73 10.84
CA ASN A 33 -8.47 19.54 12.25
C ASN A 33 -8.41 18.04 12.58
N PRO A 34 -7.19 17.46 12.64
CA PRO A 34 -7.08 16.00 12.84
C PRO A 34 -7.57 15.44 14.18
N ALA A 35 -8.23 14.26 14.11
CA ALA A 35 -8.69 13.53 15.30
C ALA A 35 -7.42 13.10 16.06
N GLN A 36 -7.47 13.21 17.39
CA GLN A 36 -6.32 12.91 18.24
C GLN A 36 -6.82 12.29 19.54
N ASN A 37 -6.06 11.32 20.10
CA ASN A 37 -6.27 10.70 21.42
C ASN A 37 -7.72 10.19 21.60
N THR A 38 -8.13 9.25 20.73
CA THR A 38 -9.50 8.74 20.67
C THR A 38 -9.74 7.37 21.34
N ALA A 39 -8.68 6.80 21.95
CA ALA A 39 -8.76 5.55 22.73
C ALA A 39 -7.53 5.45 23.65
N HIS A 40 -7.42 4.36 24.41
CA HIS A 40 -6.31 4.08 25.32
C HIS A 40 -5.96 2.61 25.14
N LEU A 41 -4.67 2.25 25.35
CA LEU A 41 -4.20 0.85 25.19
C LEU A 41 -5.00 -0.15 26.04
N ASP A 42 -5.42 0.27 27.25
CA ASP A 42 -6.16 -0.59 28.18
C ASP A 42 -7.55 -1.00 27.69
N GLN A 43 -8.03 -0.38 26.61
CA GLN A 43 -9.33 -0.69 26.02
C GLN A 43 -9.28 -1.88 25.06
N PHE A 44 -8.06 -2.42 24.83
CA PHE A 44 -7.85 -3.50 23.87
C PHE A 44 -7.16 -4.69 24.48
N GLU A 45 -7.50 -5.87 23.98
CA GLU A 45 -6.91 -7.14 24.36
C GLU A 45 -6.00 -7.54 23.22
N ARG A 46 -4.70 -7.75 23.49
CA ARG A 46 -3.76 -8.10 22.42
C ARG A 46 -3.84 -9.59 22.13
N ILE A 47 -4.03 -9.94 20.83
CA ILE A 47 -4.22 -11.34 20.40
CA ILE A 47 -4.20 -11.34 20.44
C ILE A 47 -2.99 -11.96 19.73
N LYS A 48 -2.57 -11.39 18.60
CA LYS A 48 -1.48 -11.99 17.82
C LYS A 48 -0.83 -10.97 16.90
N THR A 49 0.46 -11.16 16.58
CA THR A 49 1.18 -10.28 15.63
C THR A 49 0.85 -10.68 14.21
N LEU A 50 0.41 -9.69 13.40
CA LEU A 50 0.05 -9.87 11.98
C LEU A 50 1.19 -9.47 11.03
N GLY A 51 2.16 -8.74 11.53
CA GLY A 51 3.26 -8.25 10.70
C GLY A 51 4.24 -7.41 11.48
N THR A 52 5.44 -7.21 10.89
CA THR A 52 6.48 -6.42 11.55
C THR A 52 7.18 -5.48 10.56
N GLY A 53 7.77 -4.42 11.12
CA GLY A 53 8.54 -3.41 10.41
C GLY A 53 9.80 -3.08 11.21
N SER A 54 10.66 -2.20 10.66
CA SER A 54 11.90 -1.84 11.39
C SER A 54 11.64 -1.04 12.66
N PHE A 55 10.50 -0.33 12.75
CA PHE A 55 10.21 0.46 13.95
C PHE A 55 8.85 0.18 14.60
N GLY A 56 8.24 -0.93 14.20
CA GLY A 56 6.96 -1.33 14.77
C GLY A 56 6.42 -2.67 14.34
N ARG A 57 5.18 -2.91 14.72
CA ARG A 57 4.50 -4.16 14.42
C ARG A 57 3.00 -3.89 14.32
N VAL A 58 2.26 -4.81 13.71
CA VAL A 58 0.79 -4.70 13.58
C VAL A 58 0.26 -5.92 14.33
N MET A 59 -0.66 -5.71 15.28
CA MET A 59 -1.23 -6.80 16.04
C MET A 59 -2.72 -6.89 15.87
N LEU A 60 -3.25 -8.11 15.92
CA LEU A 60 -4.68 -8.34 15.99
C LEU A 60 -5.07 -8.05 17.45
N VAL A 61 -6.09 -7.21 17.66
CA VAL A 61 -6.59 -6.86 19.01
C VAL A 61 -8.10 -6.98 19.08
N LYS A 62 -8.64 -7.09 20.29
CA LYS A 62 -10.08 -7.11 20.50
C LYS A 62 -10.42 -5.89 21.36
N HIS A 63 -11.37 -5.04 20.89
CA HIS A 63 -11.84 -3.86 21.61
C HIS A 63 -12.90 -4.36 22.59
N MET A 64 -12.61 -4.29 23.89
CA MET A 64 -13.50 -4.88 24.89
C MET A 64 -14.92 -4.36 24.93
N GLU A 65 -15.11 -3.05 24.73
CA GLU A 65 -16.46 -2.45 24.83
C GLU A 65 -17.43 -2.87 23.73
N THR A 66 -16.92 -3.21 22.55
CA THR A 66 -17.74 -3.61 21.41
C THR A 66 -17.60 -5.07 21.06
N GLY A 67 -16.45 -5.68 21.40
CA GLY A 67 -16.14 -7.05 21.00
C GLY A 67 -15.61 -7.10 19.59
N ASN A 68 -15.40 -5.91 18.96
CA ASN A 68 -14.86 -5.86 17.59
C ASN A 68 -13.38 -6.18 17.58
N HIS A 69 -12.93 -6.82 16.49
CA HIS A 69 -11.50 -7.09 16.25
C HIS A 69 -10.94 -5.98 15.37
N TYR A 70 -9.69 -5.57 15.64
CA TYR A 70 -9.02 -4.53 14.86
C TYR A 70 -7.57 -4.89 14.65
N ALA A 71 -6.90 -4.20 13.70
CA ALA A 71 -5.46 -4.32 13.47
C ALA A 71 -4.83 -3.08 14.09
N MET A 72 -4.00 -3.25 15.12
CA MET A 72 -3.35 -2.12 15.79
CA MET A 72 -3.34 -2.14 15.83
C MET A 72 -1.87 -2.04 15.42
N LYS A 73 -1.47 -0.92 14.78
CA LYS A 73 -0.07 -0.67 14.45
CA LYS A 73 -0.07 -0.69 14.47
C LYS A 73 0.55 -0.01 15.69
N ILE A 74 1.68 -0.56 16.18
CA ILE A 74 2.39 -0.05 17.35
C ILE A 74 3.77 0.39 16.89
N LEU A 75 4.08 1.69 17.01
CA LEU A 75 5.40 2.20 16.59
C LEU A 75 6.18 2.67 17.80
N ASP A 76 7.42 2.22 17.93
CA ASP A 76 8.26 2.61 19.04
C ASP A 76 8.83 4.01 18.72
N LYS A 77 8.45 5.03 19.51
CA LYS A 77 8.89 6.42 19.27
C LYS A 77 10.42 6.57 19.10
N GLN A 78 11.20 5.96 20.00
CA GLN A 78 12.67 6.03 19.94
C GLN A 78 13.24 5.44 18.64
N LYS A 79 12.64 4.34 18.15
CA LYS A 79 13.07 3.71 16.90
C LYS A 79 12.70 4.58 15.70
N VAL A 80 11.50 5.21 15.76
CA VAL A 80 11.10 6.16 14.71
C VAL A 80 12.13 7.28 14.60
N VAL A 81 12.55 7.83 15.74
CA VAL A 81 13.53 8.94 15.77
C VAL A 81 14.88 8.47 15.20
N LYS A 82 15.39 7.32 15.66
CA LYS A 82 16.68 6.80 15.19
C LYS A 82 16.71 6.59 13.69
N LEU A 83 15.54 6.16 13.11
CA LEU A 83 15.42 5.89 11.68
C LEU A 83 15.00 7.10 10.85
N LYS A 84 14.94 8.28 11.51
CA LYS A 84 14.63 9.58 10.89
C LYS A 84 13.26 9.53 10.18
N GLN A 85 12.27 8.87 10.84
CA GLN A 85 10.93 8.73 10.26
C GLN A 85 9.88 9.58 10.99
N ILE A 86 10.31 10.62 11.75
CA ILE A 86 9.34 11.43 12.49
C ILE A 86 8.27 12.05 11.56
N GLU A 87 8.71 12.87 10.58
CA GLU A 87 7.77 13.55 9.67
C GLU A 87 6.93 12.55 8.89
N HIS A 88 7.54 11.43 8.44
CA HIS A 88 6.81 10.42 7.69
C HIS A 88 5.70 9.79 8.54
N THR A 89 5.96 9.55 9.85
CA THR A 89 4.97 8.98 10.76
CA THR A 89 4.92 8.98 10.74
C THR A 89 3.82 9.99 11.01
N LEU A 90 4.16 11.27 11.15
CA LEU A 90 3.12 12.29 11.37
C LEU A 90 2.27 12.39 10.08
N ASN A 91 2.92 12.26 8.91
CA ASN A 91 2.19 12.25 7.63
C ASN A 91 1.22 11.06 7.61
N GLU A 92 1.72 9.87 7.96
CA GLU A 92 0.91 8.66 7.90
C GLU A 92 -0.43 8.81 8.67
N LYS A 93 -0.34 9.22 9.94
CA LYS A 93 -1.50 9.34 10.78
C LYS A 93 -2.41 10.50 10.35
N ARG A 94 -1.83 11.66 10.03
CA ARG A 94 -2.64 12.80 9.60
C ARG A 94 -3.43 12.49 8.30
N ILE A 95 -2.78 11.80 7.34
CA ILE A 95 -3.46 11.44 6.08
C ILE A 95 -4.50 10.32 6.31
N LEU A 96 -4.11 9.23 7.00
CA LEU A 96 -5.02 8.10 7.17
C LEU A 96 -6.32 8.49 7.91
N GLN A 97 -6.23 9.37 8.94
CA GLN A 97 -7.43 9.82 9.65
C GLN A 97 -8.37 10.71 8.79
N ALA A 98 -7.84 11.27 7.68
CA ALA A 98 -8.61 12.21 6.85
C ALA A 98 -9.25 11.61 5.59
N VAL A 99 -8.75 10.46 5.13
CA VAL A 99 -9.25 9.86 3.89
C VAL A 99 -10.50 9.00 4.07
N ASN A 100 -11.22 8.73 2.96
CA ASN A 100 -12.45 7.93 2.96
C ASN A 100 -12.65 7.45 1.53
N PHE A 101 -12.38 6.16 1.27
CA PHE A 101 -12.58 5.56 -0.05
C PHE A 101 -12.80 4.05 0.14
N PRO A 102 -13.60 3.38 -0.72
CA PRO A 102 -13.89 1.95 -0.49
C PRO A 102 -12.71 1.01 -0.39
N PHE A 103 -11.56 1.36 -1.01
CA PHE A 103 -10.38 0.50 -1.03
C PHE A 103 -9.26 0.96 -0.14
N LEU A 104 -9.56 1.91 0.77
CA LEU A 104 -8.59 2.41 1.75
C LEU A 104 -9.02 1.92 3.12
N VAL A 105 -8.12 1.26 3.85
CA VAL A 105 -8.43 0.77 5.20
C VAL A 105 -8.84 1.94 6.11
N LYS A 106 -9.84 1.73 6.99
CA LYS A 106 -10.27 2.81 7.88
C LYS A 106 -9.50 2.83 9.19
N LEU A 107 -9.11 4.05 9.62
CA LEU A 107 -8.46 4.26 10.93
C LEU A 107 -9.61 4.55 11.92
N GLU A 108 -9.76 3.69 12.92
CA GLU A 108 -10.85 3.81 13.90
C GLU A 108 -10.45 4.69 15.07
N PHE A 109 -9.22 4.47 15.60
CA PHE A 109 -8.72 5.23 16.75
C PHE A 109 -7.23 5.44 16.60
N SER A 110 -6.71 6.44 17.32
CA SER A 110 -5.26 6.65 17.44
C SER A 110 -4.98 7.28 18.78
N PHE A 111 -3.80 7.02 19.31
CA PHE A 111 -3.37 7.53 20.63
C PHE A 111 -1.90 7.21 20.81
N LYS A 112 -1.31 7.74 21.87
CA LYS A 112 0.10 7.49 22.18
C LYS A 112 0.27 7.38 23.68
N ASP A 113 1.38 6.78 24.10
CA ASP A 113 1.71 6.71 25.52
C ASP A 113 3.18 7.11 25.70
N ASN A 114 3.79 6.82 26.86
CA ASN A 114 5.18 7.19 27.08
C ASN A 114 6.16 6.65 26.03
N SER A 115 5.92 5.44 25.53
CA SER A 115 6.83 4.73 24.64
C SER A 115 6.43 4.65 23.19
N ASN A 116 5.14 4.47 22.92
CA ASN A 116 4.69 4.17 21.55
C ASN A 116 3.62 5.07 20.97
N LEU A 117 3.45 4.93 19.65
CA LEU A 117 2.36 5.52 18.88
C LEU A 117 1.45 4.35 18.49
N TYR A 118 0.13 4.57 18.47
CA TYR A 118 -0.83 3.50 18.14
C TYR A 118 -1.85 3.97 17.13
N MET A 119 -2.09 3.15 16.09
CA MET A 119 -3.10 3.40 15.06
C MET A 119 -3.95 2.15 14.99
N VAL A 120 -5.25 2.25 15.37
CA VAL A 120 -6.16 1.12 15.40
C VAL A 120 -7.02 1.18 14.18
N MET A 121 -6.87 0.18 13.29
CA MET A 121 -7.56 0.17 12.01
C MET A 121 -8.47 -1.03 11.86
N GLU A 122 -9.35 -1.02 10.82
CA GLU A 122 -10.19 -2.16 10.51
CA GLU A 122 -10.19 -2.20 10.61
C GLU A 122 -9.27 -3.40 10.33
N TYR A 123 -9.69 -4.57 10.83
CA TYR A 123 -8.93 -5.82 10.63
C TYR A 123 -9.42 -6.43 9.28
N VAL A 124 -8.47 -6.71 8.37
CA VAL A 124 -8.78 -7.25 7.03
C VAL A 124 -8.32 -8.72 7.06
N PRO A 125 -9.30 -9.64 7.26
CA PRO A 125 -8.95 -11.04 7.58
C PRO A 125 -8.42 -11.93 6.47
N GLY A 126 -8.57 -11.51 5.21
CA GLY A 126 -8.16 -12.33 4.07
C GLY A 126 -6.67 -12.49 3.84
N GLY A 127 -5.85 -11.73 4.56
CA GLY A 127 -4.40 -11.79 4.42
C GLY A 127 -3.87 -10.93 3.29
N GLU A 128 -2.55 -10.83 3.21
CA GLU A 128 -1.91 -10.00 2.19
C GLU A 128 -2.03 -10.62 0.82
N MET A 129 -2.18 -9.74 -0.21
CA MET A 129 -2.15 -10.23 -1.58
C MET A 129 -0.83 -10.99 -1.79
N PHE A 130 0.28 -10.49 -1.17
CA PHE A 130 1.61 -11.10 -1.26
C PHE A 130 1.55 -12.63 -0.98
N SER A 131 0.91 -13.00 0.14
CA SER A 131 0.82 -14.42 0.54
C SER A 131 0.17 -15.27 -0.53
N HIS A 132 -1.00 -14.82 -1.02
CA HIS A 132 -1.75 -15.57 -2.01
C HIS A 132 -1.01 -15.66 -3.34
N LEU A 133 -0.37 -14.56 -3.75
CA LEU A 133 0.34 -14.46 -5.02
C LEU A 133 1.56 -15.40 -5.01
N ARG A 134 2.33 -15.38 -3.92
CA ARG A 134 3.51 -16.25 -3.82
C ARG A 134 3.11 -17.73 -3.82
N ARG A 135 2.05 -18.08 -3.10
CA ARG A 135 1.60 -19.46 -2.99
C ARG A 135 1.07 -19.99 -4.33
N ILE A 136 0.10 -19.26 -4.96
CA ILE A 136 -0.51 -19.71 -6.22
C ILE A 136 0.48 -19.61 -7.40
N GLY A 137 1.44 -18.67 -7.29
CA GLY A 137 2.46 -18.45 -8.30
C GLY A 137 2.23 -17.17 -9.06
N ARG A 138 1.07 -17.11 -9.77
CA ARG A 138 0.65 -15.94 -10.54
CA ARG A 138 0.65 -15.94 -10.55
C ARG A 138 -0.88 -15.89 -10.64
N PHE A 139 -1.41 -14.70 -10.93
CA PHE A 139 -2.85 -14.51 -11.09
C PHE A 139 -3.14 -14.48 -12.60
N SER A 140 -4.33 -14.93 -13.00
CA SER A 140 -4.76 -14.85 -14.40
C SER A 140 -4.93 -13.35 -14.75
N GLU A 141 -4.94 -13.01 -16.07
CA GLU A 141 -5.17 -11.60 -16.44
C GLU A 141 -6.49 -11.02 -15.90
N PRO A 142 -7.65 -11.74 -15.95
CA PRO A 142 -8.87 -11.17 -15.34
C PRO A 142 -8.77 -10.96 -13.83
N HIS A 143 -8.05 -11.85 -13.09
CA HIS A 143 -7.83 -11.75 -11.64
C HIS A 143 -6.97 -10.49 -11.37
N ALA A 144 -5.81 -10.37 -12.06
CA ALA A 144 -4.92 -9.20 -11.92
C ALA A 144 -5.66 -7.91 -12.28
N ARG A 145 -6.48 -7.92 -13.36
CA ARG A 145 -7.26 -6.76 -13.83
C ARG A 145 -8.25 -6.27 -12.76
N PHE A 146 -8.94 -7.21 -12.07
CA PHE A 146 -9.88 -6.90 -10.98
C PHE A 146 -9.15 -6.10 -9.88
N TYR A 147 -7.99 -6.58 -9.43
CA TYR A 147 -7.21 -5.87 -8.42
C TYR A 147 -6.66 -4.53 -8.93
N ALA A 148 -6.11 -4.54 -10.15
CA ALA A 148 -5.54 -3.34 -10.76
C ALA A 148 -6.58 -2.22 -10.88
N ALA A 149 -7.85 -2.55 -11.25
CA ALA A 149 -8.90 -1.52 -11.37
C ALA A 149 -9.11 -0.78 -10.03
N GLN A 150 -9.06 -1.53 -8.93
CA GLN A 150 -9.22 -0.94 -7.59
C GLN A 150 -8.07 0.01 -7.26
N ILE A 151 -6.83 -0.35 -7.66
CA ILE A 151 -5.67 0.54 -7.43
C ILE A 151 -5.81 1.81 -8.28
N VAL A 152 -6.21 1.67 -9.54
CA VAL A 152 -6.39 2.82 -10.44
C VAL A 152 -7.36 3.84 -9.81
N LEU A 153 -8.52 3.36 -9.32
CA LEU A 153 -9.52 4.24 -8.73
C LEU A 153 -8.99 4.88 -7.43
N THR A 154 -8.27 4.07 -6.62
CA THR A 154 -7.68 4.54 -5.36
C THR A 154 -6.65 5.66 -5.60
N PHE A 155 -5.80 5.49 -6.61
CA PHE A 155 -4.83 6.53 -6.95
C PHE A 155 -5.52 7.76 -7.55
N GLU A 156 -6.55 7.58 -8.37
CA GLU A 156 -7.30 8.74 -8.87
C GLU A 156 -7.81 9.59 -7.66
N TYR A 157 -8.38 8.92 -6.64
CA TYR A 157 -8.85 9.55 -5.42
C TYR A 157 -7.69 10.24 -4.66
N LEU A 158 -6.63 9.50 -4.33
CA LEU A 158 -5.50 10.04 -3.55
C LEU A 158 -4.84 11.21 -4.25
N HIS A 159 -4.55 11.05 -5.55
CA HIS A 159 -3.88 12.11 -6.30
C HIS A 159 -4.70 13.40 -6.40
N SER A 160 -6.04 13.26 -6.39
CA SER A 160 -6.95 14.44 -6.45
C SER A 160 -6.85 15.29 -5.18
N LEU A 161 -6.39 14.66 -4.08
CA LEU A 161 -6.21 15.30 -2.78
C LEU A 161 -4.76 15.77 -2.61
N ASP A 162 -3.98 15.71 -3.71
CA ASP A 162 -2.55 16.07 -3.73
C ASP A 162 -1.71 15.11 -2.89
N LEU A 163 -2.18 13.86 -2.73
CA LEU A 163 -1.43 12.87 -2.00
C LEU A 163 -0.66 11.96 -2.95
N ILE A 164 0.58 11.66 -2.57
CA ILE A 164 1.43 10.67 -3.27
CA ILE A 164 1.48 10.73 -3.25
C ILE A 164 1.56 9.49 -2.31
N TYR A 165 1.34 8.26 -2.81
CA TYR A 165 1.33 7.08 -1.95
C TYR A 165 2.73 6.49 -1.66
N ARG A 166 3.52 6.25 -2.72
CA ARG A 166 4.95 5.88 -2.59
C ARG A 166 5.33 4.53 -2.04
N ASP A 167 4.38 3.63 -1.80
CA ASP A 167 4.82 2.30 -1.32
C ASP A 167 3.91 1.19 -1.81
N LEU A 168 3.47 1.29 -3.08
CA LEU A 168 2.59 0.22 -3.61
C LEU A 168 3.37 -1.09 -3.72
N LYS A 169 2.79 -2.18 -3.20
CA LYS A 169 3.38 -3.53 -3.29
C LYS A 169 2.39 -4.53 -2.72
N PRO A 170 2.47 -5.82 -3.15
CA PRO A 170 1.49 -6.81 -2.65
C PRO A 170 1.47 -7.00 -1.13
N GLU A 171 2.62 -6.77 -0.44
CA GLU A 171 2.72 -6.92 1.02
C GLU A 171 1.75 -5.95 1.76
N ASN A 172 1.43 -4.81 1.13
CA ASN A 172 0.60 -3.73 1.68
C ASN A 172 -0.87 -3.79 1.24
N LEU A 173 -1.26 -4.79 0.42
CA LEU A 173 -2.62 -4.88 -0.10
C LEU A 173 -3.31 -6.06 0.53
N LEU A 174 -4.30 -5.80 1.36
CA LEU A 174 -5.01 -6.86 2.08
C LEU A 174 -6.30 -7.24 1.35
N ILE A 175 -6.68 -8.53 1.41
CA ILE A 175 -7.90 -9.01 0.75
CA ILE A 175 -7.90 -8.98 0.74
C ILE A 175 -9.00 -9.09 1.78
N ASP A 176 -10.15 -8.42 1.56
CA ASP A 176 -11.24 -8.45 2.52
C ASP A 176 -12.14 -9.67 2.38
N GLN A 177 -13.16 -9.79 3.25
CA GLN A 177 -14.10 -10.92 3.27
C GLN A 177 -14.88 -11.08 1.95
N GLN A 178 -14.99 -10.00 1.17
CA GLN A 178 -15.68 -9.98 -0.13
C GLN A 178 -14.72 -10.14 -1.32
N GLY A 179 -13.43 -10.29 -1.06
CA GLY A 179 -12.42 -10.50 -2.09
C GLY A 179 -11.87 -9.23 -2.70
N TYR A 180 -12.25 -8.06 -2.15
CA TYR A 180 -11.77 -6.76 -2.61
C TYR A 180 -10.53 -6.33 -1.83
N ILE A 181 -9.75 -5.41 -2.42
CA ILE A 181 -8.51 -4.88 -1.83
CA ILE A 181 -8.52 -4.87 -1.84
C ILE A 181 -8.76 -3.80 -0.80
N GLN A 182 -7.89 -3.79 0.23
CA GLN A 182 -7.82 -2.73 1.23
C GLN A 182 -6.34 -2.31 1.23
N VAL A 183 -6.06 -1.06 0.83
CA VAL A 183 -4.72 -0.48 0.86
C VAL A 183 -4.42 -0.08 2.29
N THR A 184 -3.30 -0.54 2.81
CA THR A 184 -2.86 -0.25 4.16
C THR A 184 -1.46 0.41 4.00
N ASP A 185 -0.83 0.80 5.10
CA ASP A 185 0.52 1.35 5.13
C ASP A 185 0.67 2.65 4.38
N PHE A 186 0.42 3.73 5.09
CA PHE A 186 0.57 5.07 4.56
C PHE A 186 1.84 5.74 5.11
N GLY A 187 2.82 4.90 5.52
CA GLY A 187 4.08 5.34 6.10
C GLY A 187 4.90 6.29 5.24
N PHE A 188 4.77 6.20 3.91
CA PHE A 188 5.49 7.11 3.02
C PHE A 188 4.56 8.03 2.22
N ALA A 189 3.26 8.06 2.56
CA ALA A 189 2.32 8.94 1.85
C ALA A 189 2.61 10.39 2.26
N LYS A 190 2.42 11.30 1.31
CA LYS A 190 2.73 12.72 1.57
C LYS A 190 1.81 13.62 0.81
N ARG A 191 1.38 14.72 1.44
CA ARG A 191 0.54 15.70 0.76
C ARG A 191 1.50 16.77 0.20
N VAL A 192 1.61 16.83 -1.12
CA VAL A 192 2.59 17.72 -1.77
C VAL A 192 2.04 18.23 -3.09
N LYS A 193 2.08 19.54 -3.28
CA LYS A 193 1.60 20.15 -4.52
C LYS A 193 2.68 20.26 -5.60
N GLY A 194 3.92 20.50 -5.20
CA GLY A 194 5.02 20.57 -6.15
C GLY A 194 5.73 19.24 -6.31
N ARG A 195 7.06 19.29 -6.42
CA ARG A 195 7.93 18.12 -6.56
C ARG A 195 8.39 17.74 -5.17
N THR A 196 8.84 16.48 -4.98
CA THR A 196 9.43 16.01 -3.75
C THR A 196 10.68 15.21 -4.06
N TRP A 197 11.54 15.01 -3.05
CA TRP A 197 12.87 14.42 -3.29
C TRP A 197 13.29 13.23 -2.44
N TPO A 198 12.48 12.82 -1.46
CA TPO A 198 12.93 11.74 -0.56
CB TPO A 198 11.94 11.55 0.64
CG2 TPO A 198 12.48 10.55 1.68
OG1 TPO A 198 11.78 12.81 1.32
P TPO A 198 10.29 13.36 1.31
O1P TPO A 198 9.39 12.47 2.14
O2P TPO A 198 10.40 14.80 1.79
O3P TPO A 198 9.84 13.36 -0.17
C TPO A 198 13.13 10.41 -1.27
O TPO A 198 12.30 10.01 -2.08
N LEU A 199 14.25 9.77 -0.99
CA LEU A 199 14.49 8.42 -1.53
C LEU A 199 13.75 7.47 -0.60
N CYS A 200 12.60 6.99 -1.02
CA CYS A 200 11.82 6.04 -0.23
C CYS A 200 11.00 5.18 -1.15
N GLY A 201 10.52 4.08 -0.58
CA GLY A 201 9.71 3.09 -1.27
C GLY A 201 10.43 1.76 -1.18
N THR A 202 10.08 0.80 -2.03
CA THR A 202 10.70 -0.53 -2.05
C THR A 202 11.49 -0.69 -3.37
N PRO A 203 12.75 -1.21 -3.35
CA PRO A 203 13.59 -1.24 -4.57
C PRO A 203 12.94 -1.67 -5.88
N GLU A 204 12.22 -2.81 -5.87
CA GLU A 204 11.60 -3.34 -7.08
C GLU A 204 10.55 -2.39 -7.70
N TYR A 205 9.94 -1.51 -6.86
CA TYR A 205 8.84 -0.62 -7.27
C TYR A 205 9.25 0.84 -7.57
N LEU A 206 10.54 1.18 -7.35
CA LEU A 206 11.00 2.56 -7.58
C LEU A 206 11.00 2.98 -9.05
N ALA A 207 10.44 4.16 -9.34
CA ALA A 207 10.50 4.76 -10.67
C ALA A 207 11.95 5.26 -10.92
N PRO A 208 12.42 5.28 -12.18
CA PRO A 208 13.81 5.72 -12.45
C PRO A 208 14.15 7.09 -11.90
N GLU A 209 13.20 8.04 -11.93
CA GLU A 209 13.45 9.42 -11.44
C GLU A 209 13.74 9.43 -9.93
N ILE A 210 13.24 8.44 -9.16
CA ILE A 210 13.56 8.39 -7.73
C ILE A 210 15.02 7.93 -7.56
N ILE A 211 15.42 6.87 -8.30
CA ILE A 211 16.79 6.31 -8.21
C ILE A 211 17.84 7.34 -8.59
N LEU A 212 17.52 8.14 -9.61
CA LEU A 212 18.42 9.14 -10.19
C LEU A 212 18.45 10.50 -9.45
N SER A 213 17.77 10.55 -8.29
CA SER A 213 17.73 11.73 -7.40
C SER A 213 17.27 13.00 -8.09
N LYS A 214 16.21 12.88 -8.86
CA LYS A 214 15.60 14.03 -9.53
C LYS A 214 14.42 14.42 -8.62
N GLY A 215 13.80 15.56 -8.87
CA GLY A 215 12.56 15.84 -8.14
C GLY A 215 11.55 14.90 -8.77
N TYR A 216 10.53 14.48 -8.03
CA TYR A 216 9.52 13.62 -8.64
C TYR A 216 8.11 13.98 -8.16
N ASN A 217 7.10 13.41 -8.80
CA ASN A 217 5.73 13.72 -8.43
C ASN A 217 4.86 12.45 -8.42
N LYS A 218 3.54 12.62 -8.51
CA LYS A 218 2.59 11.48 -8.48
C LYS A 218 2.80 10.44 -9.58
N ALA A 219 3.53 10.79 -10.66
CA ALA A 219 3.80 9.85 -11.75
C ALA A 219 4.55 8.59 -11.24
N VAL A 220 5.25 8.70 -10.09
CA VAL A 220 5.95 7.52 -9.56
C VAL A 220 4.96 6.43 -9.15
N ASP A 221 3.75 6.82 -8.70
CA ASP A 221 2.71 5.85 -8.32
C ASP A 221 2.21 5.08 -9.54
N TRP A 222 2.11 5.75 -10.72
CA TRP A 222 1.67 5.08 -11.95
C TRP A 222 2.73 4.09 -12.46
N TRP A 223 4.02 4.43 -12.31
CA TRP A 223 5.12 3.49 -12.63
C TRP A 223 4.95 2.27 -11.68
N ALA A 224 4.74 2.53 -10.36
CA ALA A 224 4.58 1.44 -9.37
C ALA A 224 3.37 0.54 -9.72
N LEU A 225 2.28 1.14 -10.25
CA LEU A 225 1.14 0.33 -10.72
C LEU A 225 1.59 -0.65 -11.83
N GLY A 226 2.44 -0.18 -12.75
CA GLY A 226 2.98 -1.03 -13.82
C GLY A 226 3.75 -2.20 -13.23
N VAL A 227 4.55 -1.93 -12.18
CA VAL A 227 5.33 -3.00 -11.54
C VAL A 227 4.36 -4.02 -10.88
N LEU A 228 3.33 -3.51 -10.18
CA LEU A 228 2.34 -4.36 -9.52
C LEU A 228 1.58 -5.25 -10.51
N ILE A 229 1.11 -4.66 -11.62
CA ILE A 229 0.37 -5.44 -12.62
C ILE A 229 1.28 -6.55 -13.19
N TYR A 230 2.53 -6.19 -13.51
CA TYR A 230 3.50 -7.15 -14.04
C TYR A 230 3.69 -8.28 -13.03
N GLU A 231 3.95 -7.95 -11.75
CA GLU A 231 4.18 -8.95 -10.71
C GLU A 231 2.97 -9.89 -10.51
N MET A 232 1.73 -9.32 -10.49
CA MET A 232 0.52 -10.13 -10.35
C MET A 232 0.34 -11.10 -11.51
N ALA A 233 0.56 -10.62 -12.75
CA ALA A 233 0.35 -11.47 -13.94
C ALA A 233 1.51 -12.45 -14.25
N ALA A 234 2.76 -12.09 -13.89
CA ALA A 234 3.94 -12.95 -14.17
C ALA A 234 4.29 -13.87 -13.00
N GLY A 235 4.06 -13.40 -11.77
CA GLY A 235 4.44 -14.13 -10.58
C GLY A 235 5.80 -13.69 -10.05
N TYR A 236 6.48 -12.79 -10.79
CA TYR A 236 7.75 -12.18 -10.41
C TYR A 236 7.78 -10.75 -10.91
N PRO A 237 8.54 -9.85 -10.26
CA PRO A 237 8.57 -8.46 -10.74
C PRO A 237 9.40 -8.28 -12.02
N PRO A 238 9.19 -7.13 -12.72
CA PRO A 238 9.91 -6.89 -13.99
C PRO A 238 11.40 -6.65 -13.81
N PHE A 239 11.80 -6.19 -12.62
CA PHE A 239 13.22 -5.92 -12.31
C PHE A 239 13.54 -6.57 -10.97
N PHE A 240 14.32 -7.67 -11.01
CA PHE A 240 14.69 -8.32 -9.77
C PHE A 240 16.13 -8.80 -9.81
N ALA A 241 16.74 -8.93 -8.63
CA ALA A 241 18.13 -9.38 -8.48
C ALA A 241 18.34 -9.77 -7.02
N ASP A 242 19.55 -10.18 -6.62
CA ASP A 242 19.75 -10.56 -5.21
C ASP A 242 19.96 -9.34 -4.34
N GLN A 243 20.51 -8.26 -4.92
CA GLN A 243 20.79 -7.01 -4.20
C GLN A 243 20.12 -5.78 -4.84
N PRO A 244 19.70 -4.80 -3.99
CA PRO A 244 19.07 -3.57 -4.54
C PRO A 244 19.86 -2.84 -5.64
N ILE A 245 21.20 -2.73 -5.52
CA ILE A 245 22.00 -2.04 -6.55
C ILE A 245 21.80 -2.60 -7.98
N GLN A 246 21.75 -3.93 -8.10
CA GLN A 246 21.54 -4.63 -9.37
C GLN A 246 20.12 -4.33 -9.89
N ILE A 247 19.14 -4.24 -8.98
CA ILE A 247 17.75 -3.88 -9.30
C ILE A 247 17.72 -2.47 -9.91
N TYR A 248 18.40 -1.50 -9.26
CA TYR A 248 18.47 -0.12 -9.78
C TYR A 248 19.03 -0.02 -11.20
N GLU A 249 20.12 -0.78 -11.50
CA GLU A 249 20.73 -0.85 -12.83
C GLU A 249 19.69 -1.31 -13.87
N LYS A 250 18.89 -2.36 -13.55
CA LYS A 250 17.84 -2.87 -14.43
C LYS A 250 16.74 -1.82 -14.65
N ILE A 251 16.29 -1.14 -13.58
CA ILE A 251 15.24 -0.11 -13.68
C ILE A 251 15.65 1.03 -14.61
N VAL A 252 16.88 1.55 -14.43
CA VAL A 252 17.36 2.69 -15.24
C VAL A 252 17.76 2.34 -16.69
N SER A 253 18.01 1.05 -16.98
CA SER A 253 18.45 0.57 -18.31
C SER A 253 17.53 0.92 -19.49
N GLY A 254 16.23 1.02 -19.22
CA GLY A 254 15.23 1.30 -20.24
C GLY A 254 14.81 0.04 -20.97
N LYS A 255 14.97 -1.17 -20.33
CA LYS A 255 14.64 -2.48 -20.90
C LYS A 255 13.75 -3.32 -19.98
N VAL A 256 12.63 -3.88 -20.51
CA VAL A 256 11.67 -4.78 -19.83
C VAL A 256 11.41 -5.99 -20.76
N ARG A 257 11.35 -7.20 -20.19
CA ARG A 257 11.04 -8.43 -20.92
C ARG A 257 9.72 -8.96 -20.37
N PHE A 258 8.83 -9.39 -21.26
CA PHE A 258 7.54 -9.91 -20.82
C PHE A 258 7.44 -11.41 -21.01
N PRO A 259 6.75 -12.13 -20.09
CA PRO A 259 6.51 -13.57 -20.31
C PRO A 259 5.71 -13.78 -21.59
N SER A 260 5.93 -14.92 -22.28
CA SER A 260 5.23 -15.20 -23.54
C SER A 260 3.72 -15.35 -23.38
N HIS A 261 3.22 -15.60 -22.14
CA HIS A 261 1.78 -15.74 -21.92
C HIS A 261 1.05 -14.40 -21.78
N PHE A 262 1.79 -13.28 -21.63
CA PHE A 262 1.16 -11.95 -21.52
C PHE A 262 0.43 -11.62 -22.83
N SER A 263 -0.81 -11.14 -22.73
CA SER A 263 -1.61 -10.75 -23.89
C SER A 263 -0.97 -9.49 -24.52
N SER A 264 -1.26 -9.25 -25.83
CA SER A 264 -0.77 -8.07 -26.56
CA SER A 264 -0.76 -8.07 -26.54
C SER A 264 -1.19 -6.78 -25.82
N ASP A 265 -2.47 -6.71 -25.38
CA ASP A 265 -3.01 -5.56 -24.64
C ASP A 265 -2.30 -5.33 -23.32
N LEU A 266 -1.99 -6.41 -22.59
CA LEU A 266 -1.27 -6.27 -21.30
C LEU A 266 0.12 -5.67 -21.53
N LYS A 267 0.87 -6.20 -22.52
CA LYS A 267 2.20 -5.68 -22.85
C LYS A 267 2.17 -4.21 -23.22
N ASP A 268 1.19 -3.80 -24.05
CA ASP A 268 1.06 -2.41 -24.47
C ASP A 268 0.78 -1.50 -23.25
N LEU A 269 -0.13 -1.94 -22.36
CA LEU A 269 -0.41 -1.14 -21.16
C LEU A 269 0.85 -0.96 -20.31
N LEU A 270 1.60 -2.06 -20.13
CA LEU A 270 2.82 -2.05 -19.31
C LEU A 270 3.94 -1.21 -19.90
N ARG A 271 4.07 -1.18 -21.25
CA ARG A 271 5.08 -0.35 -21.90
CA ARG A 271 5.08 -0.35 -21.90
C ARG A 271 4.79 1.13 -21.65
N ASN A 272 3.50 1.48 -21.49
CA ASN A 272 3.08 2.85 -21.25
C ASN A 272 3.16 3.26 -19.75
N LEU A 273 3.10 2.29 -18.83
CA LEU A 273 3.22 2.59 -17.40
C LEU A 273 4.69 2.53 -16.99
N LEU A 274 5.42 1.50 -17.44
CA LEU A 274 6.84 1.31 -17.16
C LEU A 274 7.64 2.11 -18.19
N GLN A 275 7.29 3.39 -18.29
CA GLN A 275 7.85 4.31 -19.26
C GLN A 275 8.79 5.27 -18.56
N VAL A 276 10.08 5.23 -18.94
CA VAL A 276 11.09 6.13 -18.37
CA VAL A 276 11.09 6.12 -18.36
C VAL A 276 10.76 7.59 -18.67
N ASP A 277 10.28 7.88 -19.89
CA ASP A 277 9.93 9.23 -20.34
C ASP A 277 8.63 9.77 -19.73
N LEU A 278 8.74 10.77 -18.83
CA LEU A 278 7.59 11.38 -18.14
C LEU A 278 6.57 12.06 -19.06
N THR A 279 7.01 12.49 -20.27
CA THR A 279 6.11 13.10 -21.25
C THR A 279 5.30 12.02 -21.96
N LYS A 280 5.63 10.72 -21.72
CA LYS A 280 4.96 9.59 -22.36
C LYS A 280 4.30 8.63 -21.38
N ARG A 281 4.60 8.72 -20.06
CA ARG A 281 4.03 7.77 -19.09
C ARG A 281 2.53 7.97 -18.87
N PHE A 282 1.77 6.87 -19.00
CA PHE A 282 0.34 6.86 -18.72
C PHE A 282 0.07 7.26 -17.29
N GLY A 283 -0.95 8.06 -17.11
CA GLY A 283 -1.31 8.62 -15.83
C GLY A 283 -0.73 10.01 -15.69
N ASN A 284 0.31 10.35 -16.50
CA ASN A 284 1.02 11.63 -16.48
C ASN A 284 0.79 12.54 -17.70
N LEU A 285 -0.13 12.15 -18.59
CA LEU A 285 -0.39 12.92 -19.81
C LEU A 285 -1.56 13.89 -19.64
N LYS A 286 -1.86 14.68 -20.70
CA LYS A 286 -2.97 15.64 -20.67
C LYS A 286 -4.29 15.00 -20.21
N ASN A 287 -4.62 13.78 -20.70
CA ASN A 287 -5.83 13.04 -20.32
C ASN A 287 -5.80 12.35 -18.92
N GLY A 288 -4.65 12.42 -18.23
CA GLY A 288 -4.48 11.87 -16.89
C GLY A 288 -4.86 10.40 -16.76
N VAL A 289 -5.64 10.05 -15.72
CA VAL A 289 -6.05 8.66 -15.45
C VAL A 289 -6.89 8.01 -16.58
N ASN A 290 -7.56 8.85 -17.38
CA ASN A 290 -8.41 8.36 -18.47
C ASN A 290 -7.67 7.58 -19.54
N ASP A 291 -6.35 7.84 -19.70
CA ASP A 291 -5.51 7.07 -20.63
C ASP A 291 -5.39 5.62 -20.13
N ILE A 292 -5.48 5.41 -18.80
CA ILE A 292 -5.41 4.07 -18.23
C ILE A 292 -6.81 3.44 -18.28
N LYS A 293 -7.83 4.16 -17.77
CA LYS A 293 -9.20 3.64 -17.69
C LYS A 293 -9.76 3.23 -19.06
N ASN A 294 -9.37 3.95 -20.12
CA ASN A 294 -9.84 3.69 -21.49
C ASN A 294 -8.93 2.78 -22.30
N HIS A 295 -7.84 2.22 -21.67
CA HIS A 295 -6.93 1.32 -22.39
C HIS A 295 -7.64 0.02 -22.73
N LYS A 296 -7.28 -0.62 -23.87
CA LYS A 296 -7.82 -1.90 -24.34
C LYS A 296 -7.82 -3.02 -23.28
N TRP A 297 -6.76 -3.11 -22.45
CA TRP A 297 -6.69 -4.15 -21.41
C TRP A 297 -7.82 -4.02 -20.39
N PHE A 298 -8.35 -2.79 -20.20
CA PHE A 298 -9.46 -2.53 -19.27
C PHE A 298 -10.82 -2.43 -19.96
N ALA A 299 -10.93 -2.84 -21.25
CA ALA A 299 -12.20 -2.75 -21.98
C ALA A 299 -13.38 -3.44 -21.27
N THR A 300 -13.14 -4.59 -20.60
CA THR A 300 -14.18 -5.37 -19.90
C THR A 300 -14.49 -4.82 -18.50
N THR A 301 -13.71 -3.83 -18.02
CA THR A 301 -13.90 -3.24 -16.71
C THR A 301 -15.02 -2.18 -16.68
N ASP A 302 -15.99 -2.40 -15.79
CA ASP A 302 -17.06 -1.45 -15.51
C ASP A 302 -16.59 -0.73 -14.24
N TRP A 303 -15.98 0.47 -14.43
CA TRP A 303 -15.38 1.27 -13.36
C TRP A 303 -16.35 1.59 -12.20
N ILE A 304 -17.61 1.94 -12.54
CA ILE A 304 -18.63 2.21 -11.53
C ILE A 304 -18.96 0.92 -10.73
N ALA A 305 -19.18 -0.22 -11.41
CA ALA A 305 -19.48 -1.50 -10.73
C ALA A 305 -18.35 -1.88 -9.77
N ILE A 306 -17.07 -1.63 -10.14
CA ILE A 306 -15.91 -1.89 -9.28
C ILE A 306 -16.01 -1.02 -8.01
N TYR A 307 -16.20 0.31 -8.19
CA TYR A 307 -16.33 1.26 -7.08
C TYR A 307 -17.48 0.89 -6.13
N GLN A 308 -18.64 0.48 -6.71
CA GLN A 308 -19.82 0.08 -5.94
C GLN A 308 -19.71 -1.33 -5.36
N ARG A 309 -18.59 -2.04 -5.65
CA ARG A 309 -18.33 -3.41 -5.19
C ARG A 309 -19.42 -4.41 -5.68
N LYS A 310 -19.93 -4.20 -6.90
CA LYS A 310 -20.97 -5.06 -7.48
C LYS A 310 -20.40 -6.20 -8.31
N VAL A 311 -19.09 -6.14 -8.63
CA VAL A 311 -18.41 -7.16 -9.42
C VAL A 311 -18.09 -8.37 -8.54
N GLU A 312 -18.33 -9.59 -9.06
CA GLU A 312 -18.00 -10.83 -8.35
C GLU A 312 -16.47 -10.97 -8.29
N ALA A 313 -15.91 -11.14 -7.08
CA ALA A 313 -14.46 -11.27 -6.93
C ALA A 313 -13.94 -12.61 -7.47
N PRO A 314 -12.72 -12.64 -8.05
CA PRO A 314 -12.20 -13.90 -8.59
C PRO A 314 -11.76 -14.89 -7.50
N PHE A 315 -11.58 -14.40 -6.27
CA PHE A 315 -11.15 -15.20 -5.15
C PHE A 315 -11.75 -14.69 -3.81
N ILE A 316 -12.36 -15.58 -3.03
CA ILE A 316 -12.92 -15.25 -1.72
C ILE A 316 -12.05 -15.96 -0.67
N PRO A 317 -11.37 -15.23 0.23
CA PRO A 317 -10.50 -15.90 1.22
C PRO A 317 -11.30 -16.77 2.18
N LYS A 318 -10.66 -17.82 2.70
CA LYS A 318 -11.26 -18.74 3.66
C LYS A 318 -11.40 -18.00 5.00
N PHE A 319 -12.54 -18.17 5.67
CA PHE A 319 -12.83 -17.53 6.95
C PHE A 319 -13.37 -18.56 7.94
N LYS A 320 -12.59 -18.87 8.99
CA LYS A 320 -12.99 -19.81 10.03
C LYS A 320 -13.93 -19.17 11.06
N GLY A 321 -13.86 -17.83 11.14
CA GLY A 321 -14.70 -17.04 12.04
C GLY A 321 -14.07 -15.75 12.51
N PRO A 322 -14.72 -15.03 13.47
CA PRO A 322 -14.11 -13.78 13.97
C PRO A 322 -12.82 -14.06 14.73
N GLY A 323 -11.83 -13.18 14.52
CA GLY A 323 -10.53 -13.27 15.15
C GLY A 323 -9.58 -14.32 14.59
N ASP A 324 -10.00 -15.04 13.53
CA ASP A 324 -9.14 -16.06 12.93
C ASP A 324 -8.02 -15.39 12.13
N THR A 325 -6.80 -15.95 12.23
CA THR A 325 -5.63 -15.39 11.54
C THR A 325 -4.97 -16.41 10.58
N SER A 326 -5.73 -17.46 10.12
CA SER A 326 -5.23 -18.53 9.24
CA SER A 326 -5.20 -18.53 9.26
C SER A 326 -4.61 -18.02 7.95
N ASN A 327 -5.05 -16.85 7.48
CA ASN A 327 -4.54 -16.23 6.24
C ASN A 327 -3.25 -15.42 6.45
N PHE A 328 -2.69 -15.45 7.68
CA PHE A 328 -1.46 -14.72 8.03
C PHE A 328 -0.37 -15.66 8.49
N ASP A 329 0.88 -15.26 8.21
CA ASP A 329 2.05 -15.98 8.70
C ASP A 329 2.21 -15.76 10.20
N ASP A 330 2.95 -16.67 10.86
CA ASP A 330 3.23 -16.56 12.28
C ASP A 330 4.52 -15.80 12.51
N TYR A 331 4.47 -14.86 13.45
CA TYR A 331 5.61 -14.02 13.82
C TYR A 331 5.94 -14.24 15.28
N GLU A 332 7.19 -13.98 15.66
CA GLU A 332 7.65 -14.08 17.05
C GLU A 332 6.92 -13.00 17.87
N GLU A 333 6.36 -13.40 19.00
CA GLU A 333 5.59 -12.51 19.87
C GLU A 333 6.49 -11.80 20.88
N GLU A 334 6.40 -10.46 20.96
CA GLU A 334 7.20 -9.65 21.89
C GLU A 334 6.30 -8.83 22.81
N GLU A 335 6.74 -8.57 24.05
CA GLU A 335 5.95 -7.78 25.01
C GLU A 335 5.83 -6.30 24.59
N ILE A 336 4.70 -5.66 24.93
CA ILE A 336 4.49 -4.23 24.68
C ILE A 336 4.94 -3.57 25.97
N ARG A 337 6.13 -2.97 25.96
CA ARG A 337 6.60 -2.29 27.17
C ARG A 337 6.30 -0.80 27.10
N VAL A 338 5.77 -0.26 28.20
CA VAL A 338 5.47 1.16 28.32
C VAL A 338 6.36 1.71 29.42
N SEP A 339 7.34 2.55 29.06
CA SEP A 339 8.26 3.16 30.01
CB SEP A 339 9.34 3.94 29.23
OG SEP A 339 10.16 4.74 30.13
C SEP A 339 7.53 4.06 31.02
O SEP A 339 6.44 4.56 30.73
P SEP A 339 11.41 3.97 30.71
O1P SEP A 339 10.89 3.20 31.95
O2P SEP A 339 12.04 3.03 29.74
O3P SEP A 339 12.37 5.06 31.19
N ILE A 340 8.10 4.23 32.22
CA ILE A 340 7.49 5.10 33.23
C ILE A 340 7.78 6.58 32.92
N ASN A 341 8.67 6.84 31.93
CA ASN A 341 9.08 8.19 31.50
C ASN A 341 8.65 8.44 30.06
N GLU A 342 8.17 9.66 29.79
CA GLU A 342 7.76 10.03 28.43
C GLU A 342 8.98 10.16 27.51
N LYS A 343 8.93 9.48 26.37
CA LYS A 343 9.99 9.52 25.36
C LYS A 343 9.55 10.37 24.18
N CYS A 344 10.44 11.23 23.67
CA CYS A 344 10.21 12.02 22.45
C CYS A 344 8.86 12.79 22.42
N GLY A 345 8.47 13.39 23.55
CA GLY A 345 7.22 14.14 23.65
C GLY A 345 7.09 15.27 22.65
N LYS A 346 8.15 16.09 22.52
CA LYS A 346 8.13 17.23 21.60
C LYS A 346 7.95 16.79 20.13
N GLU A 347 8.72 15.79 19.70
CA GLU A 347 8.72 15.28 18.33
C GLU A 347 7.33 14.85 17.85
N PHE A 348 6.57 14.20 18.75
CA PHE A 348 5.26 13.62 18.41
C PHE A 348 4.08 14.34 19.03
N SER A 349 4.28 15.62 19.42
CA SER A 349 3.25 16.44 20.04
C SER A 349 1.92 16.43 19.29
N GLU A 350 1.96 16.53 17.93
CA GLU A 350 0.71 16.56 17.17
C GLU A 350 0.00 15.21 16.94
N PHE A 351 0.68 14.10 17.19
CA PHE A 351 0.09 12.78 16.95
C PHE A 351 -1.12 12.57 17.88
N THR B 1 14.56 -20.81 -16.59
CA THR B 1 13.41 -19.93 -16.80
C THR B 1 13.51 -18.72 -15.86
N THR B 2 12.82 -17.62 -16.20
CA THR B 2 12.82 -16.43 -15.31
C THR B 2 12.17 -16.77 -13.97
N TYR B 3 11.11 -17.61 -13.98
CA TYR B 3 10.45 -18.06 -12.75
C TYR B 3 11.48 -18.78 -11.86
N ALA B 4 12.23 -19.78 -12.42
CA ALA B 4 13.23 -20.51 -11.62
C ALA B 4 14.27 -19.55 -11.06
N ASP B 5 14.69 -18.53 -11.86
CA ASP B 5 15.66 -17.55 -11.37
C ASP B 5 15.08 -16.73 -10.22
N PHE B 6 13.81 -16.33 -10.32
CA PHE B 6 13.18 -15.60 -9.23
C PHE B 6 13.12 -16.45 -7.93
N ILE B 7 12.63 -17.69 -8.05
CA ILE B 7 12.47 -18.58 -6.88
C ILE B 7 13.78 -18.88 -6.16
N ALA B 8 14.88 -18.91 -6.92
CA ALA B 8 16.23 -19.19 -6.39
C ALA B 8 16.88 -17.89 -5.87
N SER B 9 16.22 -16.73 -6.05
CA SER B 9 16.80 -15.44 -5.62
C SER B 9 16.55 -15.23 -4.10
N GLY B 10 17.23 -14.24 -3.52
CA GLY B 10 17.03 -13.94 -2.11
C GLY B 10 15.91 -12.94 -1.85
N ARG B 11 15.12 -12.61 -2.89
CA ARG B 11 14.07 -11.60 -2.74
C ARG B 11 12.65 -12.09 -3.05
N THR B 12 12.32 -13.31 -2.60
CA THR B 12 10.97 -13.86 -2.77
C THR B 12 10.11 -13.67 -1.50
N GLY B 13 10.76 -13.30 -0.39
CA GLY B 13 10.10 -13.06 0.89
C GLY B 13 9.58 -11.64 0.95
N ARG B 14 9.01 -11.23 2.10
CA ARG B 14 8.49 -9.87 2.23
C ARG B 14 9.62 -8.86 2.09
N ARG B 15 9.36 -7.82 1.30
CA ARG B 15 10.37 -6.79 1.00
C ARG B 15 10.17 -5.60 1.88
N ASN B 16 11.26 -5.15 2.49
CA ASN B 16 11.19 -3.96 3.33
C ASN B 16 11.38 -2.70 2.49
N ALA B 17 10.83 -1.60 2.98
CA ALA B 17 10.98 -0.30 2.32
C ALA B 17 12.38 0.27 2.66
N ILE B 18 12.77 1.33 1.93
CA ILE B 18 14.02 2.06 2.12
C ILE B 18 13.81 3.04 3.28
N HIS B 19 14.83 3.24 4.12
CA HIS B 19 14.81 4.22 5.21
C HIS B 19 16.05 5.13 5.20
N ASP B 20 15.93 6.33 5.78
CA ASP B 20 17.00 7.35 5.90
C ASP B 20 17.41 7.54 7.35
C1 MPD C . -0.35 -18.50 6.07
C2 MPD C . -0.41 -18.13 4.61
O2 MPD C . 0.63 -18.87 3.94
CM MPD C . -0.11 -16.66 4.44
C3 MPD C . -1.83 -18.58 4.10
C4 MPD C . -2.43 -17.99 2.80
O4 MPD C . -1.66 -18.35 1.63
C5 MPD C . -3.84 -18.48 2.64
C2 QWI D . 5.23 -1.44 10.43
C3 QWI D . 5.01 -1.31 9.07
C4 QWI D . 4.43 -2.35 8.35
C5 QWI D . 4.07 -3.53 8.99
C6 QWI D . 4.29 -3.65 10.35
C7 QWI D . 4.87 -2.60 11.07
C8 QWI D . 3.43 -4.68 8.22
C9 QWI D . 4.31 -5.25 7.08
C10 QWI D . 3.59 -6.36 6.34
N11 QWI D . 2.28 -5.92 5.82
C15 QWI D . 2.04 -4.32 7.70
C17 QWI D . -0.99 -4.46 7.14
C18 QWI D . 0.17 -4.70 6.18
C20 QWI D . -0.69 -6.86 7.66
C21 QWI D . 0.79 -6.56 7.80
C22 QWI D . -2.89 -5.71 8.24
N23 QWI D . -3.38 -6.97 8.40
C24 QWI D . -4.69 -7.01 8.67
N25 QWI D . -5.55 -5.99 8.78
C26 QWI D . -4.98 -4.77 8.65
C70 QWI D . 1.32 -5.43 6.89
N27 QWI D . -5.59 -3.55 8.78
C29 QWI D . -4.61 -2.62 8.61
N30 QWI D . -3.42 -3.13 8.38
C31 QWI D . -3.64 -4.50 8.39
N1 QWI D . -1.54 -5.67 7.78
C1 GOL E . -15.28 7.33 -8.50
O1 GOL E . -16.17 7.28 -9.63
C2 GOL E . -13.84 7.32 -8.93
O2 GOL E . -13.64 8.23 -10.02
C3 GOL E . -12.95 7.73 -7.78
O3 GOL E . -11.58 7.58 -8.12
S DMS F . 1.75 -9.90 23.12
O DMS F . 0.38 -10.11 22.64
C1 DMS F . 1.89 -8.16 23.33
C2 DMS F . 2.78 -10.07 21.71
#